data_1B3J
#
_entry.id   1B3J
#
_cell.length_a   261.500
_cell.length_b   261.500
_cell.length_c   261.500
_cell.angle_alpha   90.00
_cell.angle_beta   90.00
_cell.angle_gamma   90.00
#
_symmetry.space_group_name_H-M   'F 41 3 2'
#
loop_
_entity.id
_entity.type
_entity.pdbx_description
1 polymer 'MHC CLASS I HOMOLOG MIC-A'
2 branched 2-acetamido-2-deoxy-beta-D-glucopyranose-(1-4)-2-acetamido-2-deoxy-beta-D-glucopyranose
3 water water
#
_entity_poly.entity_id   1
_entity_poly.type   'polypeptide(L)'
_entity_poly.pdbx_seq_one_letter_code
;EPHSLRYNLTVLSWDGSVQSGFLTEVHLDGQPFLRCDRQKCRAKPQGQWAEDVLGNKTWDRETRDLTGNGKDLRMTLAHI
KDQKEGLHSLQEIRVCEIHEDNSTRSSQHFYYDGELFLSQNLETKEWTMPQSSRAQTLAMNVRNFLKEDAMKTKTHYHAM
HADCLQELRRYLKSGVVLRRTVPPMVNVTRSEASEGNITVTCRASGFYPWNITLSWRQDGVSLSHDTQQWGDVLPDGNGT
YQTWVATRICQGEEQRFTCYMEHSGNHSTHPVPS
;
_entity_poly.pdbx_strand_id   A
#
# COMPACT_ATOMS: atom_id res chain seq x y z
N GLU A 1 2.34 -6.89 4.02
CA GLU A 1 1.50 -5.77 4.56
C GLU A 1 1.13 -4.82 3.42
N PRO A 2 -0.14 -4.84 2.98
CA PRO A 2 -0.59 -3.98 1.90
C PRO A 2 -0.97 -2.61 2.45
N HIS A 3 -1.02 -1.60 1.58
CA HIS A 3 -1.37 -0.27 2.05
C HIS A 3 -2.28 0.44 1.08
N SER A 4 -2.97 1.46 1.56
CA SER A 4 -3.88 2.17 0.69
C SER A 4 -4.10 3.56 1.22
N LEU A 5 -4.53 4.44 0.34
CA LEU A 5 -4.82 5.81 0.70
C LEU A 5 -6.10 6.15 -0.04
N ARG A 6 -7.01 6.87 0.60
CA ARG A 6 -8.25 7.24 -0.07
C ARG A 6 -8.66 8.63 0.39
N TYR A 7 -8.98 9.49 -0.57
CA TYR A 7 -9.42 10.84 -0.26
C TYR A 7 -10.88 10.88 -0.73
N ASN A 8 -11.78 11.35 0.13
CA ASN A 8 -13.21 11.45 -0.21
C ASN A 8 -13.65 12.92 -0.22
N LEU A 9 -13.70 13.51 -1.43
CA LEU A 9 -14.08 14.90 -1.54
C LEU A 9 -15.55 15.09 -1.88
N THR A 10 -16.24 15.83 -1.02
CA THR A 10 -17.67 16.08 -1.24
C THR A 10 -17.97 17.54 -1.50
N VAL A 11 -18.81 17.79 -2.50
CA VAL A 11 -19.15 19.15 -2.84
C VAL A 11 -20.67 19.31 -3.00
N LEU A 12 -21.18 20.46 -2.55
CA LEU A 12 -22.61 20.73 -2.59
C LEU A 12 -23.10 21.75 -3.62
N SER A 13 -24.36 21.62 -4.00
CA SER A 13 -24.99 22.51 -4.96
C SER A 13 -26.46 22.62 -4.59
N TRP A 14 -26.86 23.82 -4.19
CA TRP A 14 -28.23 24.11 -3.80
C TRP A 14 -28.94 24.77 -4.96
N ASP A 15 -29.98 24.12 -5.49
CA ASP A 15 -30.73 24.65 -6.62
C ASP A 15 -29.81 25.25 -7.68
N GLY A 16 -28.90 24.45 -8.20
CA GLY A 16 -27.98 24.92 -9.22
C GLY A 16 -26.75 25.61 -8.66
N SER A 17 -26.92 26.43 -7.63
CA SER A 17 -25.81 27.15 -7.03
C SER A 17 -24.86 26.22 -6.29
N VAL A 18 -23.57 26.49 -6.39
CA VAL A 18 -22.56 25.68 -5.74
C VAL A 18 -22.10 26.35 -4.48
N GLN A 19 -22.18 25.65 -3.36
CA GLN A 19 -21.78 26.23 -2.10
C GLN A 19 -20.27 26.45 -2.02
N SER A 20 -19.87 27.40 -1.19
CA SER A 20 -18.47 27.73 -0.98
C SER A 20 -17.77 26.64 -0.18
N GLY A 21 -18.55 25.97 0.67
CA GLY A 21 -17.96 24.91 1.48
C GLY A 21 -17.90 23.53 0.86
N PHE A 22 -16.98 22.73 1.41
CA PHE A 22 -16.78 21.36 0.98
C PHE A 22 -15.86 20.64 1.98
N LEU A 23 -15.86 19.31 1.94
CA LEU A 23 -15.06 18.56 2.87
C LEU A 23 -14.39 17.32 2.31
N THR A 24 -13.20 17.02 2.86
CA THR A 24 -12.43 15.86 2.43
C THR A 24 -12.16 14.87 3.54
N GLU A 25 -12.50 13.62 3.26
CA GLU A 25 -12.31 12.55 4.22
C GLU A 25 -11.13 11.75 3.74
N VAL A 26 -10.11 11.64 4.57
CA VAL A 26 -8.94 10.89 4.17
C VAL A 26 -8.74 9.73 5.13
N HIS A 27 -8.51 8.55 4.55
CA HIS A 27 -8.29 7.33 5.31
C HIS A 27 -6.98 6.71 4.87
N LEU A 28 -6.08 6.54 5.83
CA LEU A 28 -4.78 5.95 5.54
C LEU A 28 -4.82 4.51 5.96
N ASP A 29 -4.37 3.62 5.09
CA ASP A 29 -4.38 2.20 5.41
C ASP A 29 -5.68 1.79 6.06
N GLY A 30 -6.77 2.29 5.49
CA GLY A 30 -8.10 1.99 5.99
C GLY A 30 -8.46 2.55 7.35
N GLN A 31 -7.90 3.71 7.71
CA GLN A 31 -8.19 4.29 9.01
C GLN A 31 -8.35 5.82 8.97
N PRO A 32 -9.34 6.34 9.71
CA PRO A 32 -9.57 7.79 9.76
C PRO A 32 -8.23 8.47 9.98
N PHE A 33 -7.83 9.27 9.02
CA PHE A 33 -6.55 9.97 9.08
C PHE A 33 -6.68 11.48 9.29
N LEU A 34 -7.44 12.13 8.42
CA LEU A 34 -7.68 13.56 8.48
C LEU A 34 -9.06 13.92 7.95
N ARG A 35 -9.49 15.14 8.26
CA ARG A 35 -10.77 15.70 7.80
C ARG A 35 -10.44 17.13 7.43
N CYS A 36 -10.81 17.55 6.23
CA CYS A 36 -10.44 18.89 5.80
C CYS A 36 -11.54 19.83 5.36
N ASP A 37 -11.47 21.00 5.96
CA ASP A 37 -12.36 22.14 5.70
C ASP A 37 -11.89 22.66 4.37
N ARG A 38 -12.21 23.93 4.14
CA ARG A 38 -11.80 24.62 2.93
C ARG A 38 -10.57 25.41 3.36
N GLN A 39 -10.40 25.54 4.68
CA GLN A 39 -9.27 26.28 5.25
C GLN A 39 -8.57 25.55 6.40
N LYS A 40 -8.78 24.24 6.52
CA LYS A 40 -8.12 23.50 7.58
C LYS A 40 -8.20 22.00 7.42
N CYS A 41 -7.16 21.33 7.88
CA CYS A 41 -7.12 19.90 7.85
C CYS A 41 -6.91 19.54 9.30
N ARG A 42 -7.85 18.79 9.86
CA ARG A 42 -7.80 18.35 11.24
C ARG A 42 -7.41 16.89 11.27
N ALA A 43 -6.44 16.55 12.12
CA ALA A 43 -5.97 15.18 12.25
C ALA A 43 -7.01 14.34 12.97
N LYS A 44 -7.04 13.07 12.62
CA LYS A 44 -7.96 12.12 13.21
C LYS A 44 -7.13 11.19 14.10
N PRO A 45 -7.66 9.99 14.46
CA PRO A 45 -6.83 9.14 15.31
C PRO A 45 -5.39 9.08 14.77
N GLN A 46 -5.21 8.34 13.69
CA GLN A 46 -3.92 8.21 13.03
C GLN A 46 -3.34 9.61 12.82
N GLY A 47 -4.25 10.56 12.65
CA GLY A 47 -3.84 11.93 12.43
C GLY A 47 -2.84 12.35 13.49
N GLN A 48 -3.19 12.08 14.74
CA GLN A 48 -2.34 12.42 15.87
C GLN A 48 -1.15 11.50 15.82
N TRP A 49 -1.44 10.19 15.75
CA TRP A 49 -0.43 9.12 15.66
C TRP A 49 0.75 9.84 15.04
N ALA A 50 0.55 10.20 13.78
CA ALA A 50 1.53 10.94 12.99
C ALA A 50 1.93 12.18 13.73
N GLU A 51 0.98 13.10 13.86
CA GLU A 51 1.20 14.38 14.54
C GLU A 51 2.45 14.41 15.43
N ASP A 52 2.61 13.42 16.32
CA ASP A 52 3.77 13.38 17.21
C ASP A 52 5.07 13.37 16.39
N VAL A 53 5.38 12.20 15.82
CA VAL A 53 6.56 11.97 15.01
C VAL A 53 7.10 13.17 14.22
N LEU A 54 6.31 13.72 13.30
CA LEU A 54 6.73 14.84 12.45
C LEU A 54 6.32 16.23 12.96
N GLY A 55 5.27 16.26 13.76
CA GLY A 55 4.80 17.52 14.26
C GLY A 55 3.47 17.87 13.59
N ASN A 56 3.53 18.63 12.50
CA ASN A 56 2.30 19.07 11.82
C ASN A 56 2.09 18.74 10.34
N LYS A 57 3.10 18.19 9.67
CA LYS A 57 2.98 17.88 8.24
C LYS A 57 1.55 17.59 7.75
N THR A 58 0.75 16.83 8.53
CA THR A 58 -0.64 16.52 8.15
C THR A 58 -1.40 17.84 8.25
N TRP A 59 -0.81 18.85 7.64
CA TRP A 59 -1.35 20.19 7.62
C TRP A 59 -1.08 20.75 6.25
N ASP A 60 -0.07 21.62 6.23
CA ASP A 60 0.37 22.34 5.06
C ASP A 60 0.29 21.68 3.69
N ARG A 61 1.26 20.84 3.35
CA ARG A 61 1.25 20.20 2.05
C ARG A 61 -0.17 19.77 1.70
N GLU A 62 -0.70 18.90 2.56
CA GLU A 62 -2.04 18.35 2.43
C GLU A 62 -3.13 19.40 2.26
N THR A 63 -3.44 20.13 3.33
CA THR A 63 -4.47 21.15 3.26
C THR A 63 -4.41 21.94 1.96
N ARG A 64 -3.19 22.29 1.55
CA ARG A 64 -2.99 23.06 0.32
C ARG A 64 -3.59 22.38 -0.90
N ASP A 65 -3.12 21.17 -1.18
CA ASP A 65 -3.56 20.37 -2.32
C ASP A 65 -5.04 20.00 -2.30
N LEU A 66 -5.54 19.58 -1.13
CA LEU A 66 -6.92 19.18 -0.99
C LEU A 66 -7.90 20.29 -1.32
N THR A 67 -7.60 21.49 -0.82
CA THR A 67 -8.45 22.64 -1.08
C THR A 67 -8.52 22.83 -2.58
N GLY A 68 -7.35 22.78 -3.21
CA GLY A 68 -7.28 22.96 -4.64
C GLY A 68 -8.27 22.07 -5.35
N ASN A 69 -8.11 20.77 -5.18
CA ASN A 69 -8.99 19.80 -5.81
C ASN A 69 -10.42 20.15 -5.46
N GLY A 70 -10.61 20.67 -4.25
CA GLY A 70 -11.94 21.06 -3.82
C GLY A 70 -12.46 22.13 -4.77
N LYS A 71 -11.80 23.29 -4.76
CA LYS A 71 -12.17 24.41 -5.61
C LYS A 71 -12.37 23.94 -7.06
N ASP A 72 -11.58 22.94 -7.46
CA ASP A 72 -11.64 22.39 -8.80
C ASP A 72 -12.98 21.69 -9.02
N LEU A 73 -13.29 20.77 -8.11
CA LEU A 73 -14.54 20.04 -8.21
C LEU A 73 -15.69 21.03 -8.17
N ARG A 74 -15.56 22.05 -7.32
CA ARG A 74 -16.58 23.09 -7.18
C ARG A 74 -17.06 23.48 -8.59
N MET A 75 -16.10 23.65 -9.49
CA MET A 75 -16.41 23.97 -10.87
C MET A 75 -17.07 22.75 -11.49
N THR A 76 -16.33 21.65 -11.57
CA THR A 76 -16.83 20.40 -12.13
C THR A 76 -18.32 20.27 -11.89
N LEU A 77 -18.77 20.56 -10.66
CA LEU A 77 -20.20 20.48 -10.35
C LEU A 77 -20.95 21.60 -11.07
N ALA A 78 -20.60 22.84 -10.74
CA ALA A 78 -21.22 24.01 -11.36
C ALA A 78 -21.54 23.71 -12.82
N HIS A 79 -20.64 22.95 -13.43
CA HIS A 79 -20.77 22.56 -14.82
C HIS A 79 -22.03 21.77 -15.18
N ILE A 80 -22.41 20.80 -14.35
CA ILE A 80 -23.58 19.97 -14.63
C ILE A 80 -24.90 20.74 -14.86
N LYS A 81 -25.63 20.32 -15.89
CA LYS A 81 -26.88 20.96 -16.32
C LYS A 81 -28.18 20.74 -15.55
N ASP A 82 -28.74 19.53 -15.70
CA ASP A 82 -30.01 19.16 -15.06
C ASP A 82 -30.01 19.23 -13.54
N GLN A 83 -29.62 20.37 -13.00
CA GLN A 83 -29.57 20.51 -11.56
C GLN A 83 -30.98 20.71 -11.03
N LYS A 84 -31.66 19.60 -10.72
CA LYS A 84 -33.02 19.67 -10.21
C LYS A 84 -33.02 20.50 -8.93
N GLU A 85 -34.19 21.02 -8.57
CA GLU A 85 -34.31 21.82 -7.36
C GLU A 85 -33.84 21.04 -6.15
N GLY A 86 -33.22 21.74 -5.20
CA GLY A 86 -32.77 21.08 -3.99
C GLY A 86 -31.28 21.10 -3.73
N LEU A 87 -30.91 20.41 -2.66
CA LEU A 87 -29.53 20.29 -2.22
C LEU A 87 -28.96 19.05 -2.85
N HIS A 88 -27.84 19.21 -3.53
CA HIS A 88 -27.21 18.06 -4.16
C HIS A 88 -25.73 18.04 -3.88
N SER A 89 -25.13 16.87 -4.04
CA SER A 89 -23.72 16.71 -3.78
C SER A 89 -23.02 15.92 -4.87
N LEU A 90 -21.72 16.14 -4.98
CA LEU A 90 -20.91 15.45 -5.96
C LEU A 90 -19.66 15.02 -5.21
N GLN A 91 -19.39 13.72 -5.23
CA GLN A 91 -18.21 13.25 -4.56
C GLN A 91 -17.24 12.61 -5.52
N GLU A 92 -15.97 12.79 -5.19
CA GLU A 92 -14.88 12.24 -5.96
C GLU A 92 -14.01 11.49 -4.98
N ILE A 93 -14.03 10.17 -5.07
CA ILE A 93 -13.20 9.39 -4.18
C ILE A 93 -12.01 8.85 -4.96
N ARG A 94 -10.83 9.33 -4.62
CA ARG A 94 -9.61 8.90 -5.27
C ARG A 94 -9.02 7.81 -4.37
N VAL A 95 -8.81 6.64 -4.94
CA VAL A 95 -8.25 5.52 -4.19
C VAL A 95 -6.94 5.09 -4.85
N CYS A 96 -6.12 4.38 -4.07
CA CYS A 96 -4.83 3.87 -4.55
C CYS A 96 -4.29 2.97 -3.46
N GLU A 97 -3.91 1.78 -3.85
CA GLU A 97 -3.40 0.80 -2.92
C GLU A 97 -2.06 0.30 -3.41
N ILE A 98 -1.26 -0.25 -2.49
CA ILE A 98 0.02 -0.82 -2.85
C ILE A 98 -0.07 -2.25 -2.36
N HIS A 99 -0.25 -3.17 -3.30
CA HIS A 99 -0.43 -4.57 -2.94
C HIS A 99 0.88 -5.25 -2.52
N GLU A 100 0.76 -6.46 -1.98
CA GLU A 100 1.92 -7.24 -1.55
C GLU A 100 2.86 -7.34 -2.73
N ASP A 101 2.24 -7.54 -3.88
CA ASP A 101 2.85 -7.64 -5.19
C ASP A 101 3.89 -6.58 -5.39
N ASN A 102 3.78 -5.50 -4.60
CA ASN A 102 4.63 -4.34 -4.69
C ASN A 102 4.06 -3.58 -5.88
N SER A 103 3.01 -4.17 -6.44
CA SER A 103 2.28 -3.61 -7.58
C SER A 103 1.34 -2.52 -7.09
N THR A 104 0.96 -1.63 -7.99
CA THR A 104 0.09 -0.52 -7.63
C THR A 104 -1.24 -0.53 -8.37
N ARG A 105 -2.15 0.29 -7.84
CA ARG A 105 -3.48 0.48 -8.37
C ARG A 105 -3.96 1.84 -7.87
N SER A 106 -4.49 2.66 -8.76
CA SER A 106 -5.01 3.97 -8.38
C SER A 106 -6.20 4.36 -9.27
N SER A 107 -7.36 4.56 -8.65
CA SER A 107 -8.57 4.95 -9.34
C SER A 107 -9.15 6.23 -8.76
N GLN A 108 -10.32 6.58 -9.26
CA GLN A 108 -11.05 7.77 -8.82
C GLN A 108 -12.50 7.55 -9.24
N HIS A 109 -13.41 7.79 -8.30
CA HIS A 109 -14.85 7.60 -8.51
C HIS A 109 -15.73 8.82 -8.23
N PHE A 110 -16.74 9.00 -9.07
CA PHE A 110 -17.65 10.14 -8.95
C PHE A 110 -19.06 9.72 -8.59
N TYR A 111 -19.67 10.46 -7.65
CA TYR A 111 -21.04 10.16 -7.21
C TYR A 111 -21.94 11.39 -7.17
N TYR A 112 -23.19 11.20 -7.53
CA TYR A 112 -24.16 12.28 -7.51
C TYR A 112 -25.18 11.97 -6.44
N ASP A 113 -25.20 12.80 -5.41
CA ASP A 113 -26.12 12.61 -4.32
C ASP A 113 -25.89 11.21 -3.77
N GLY A 114 -24.63 10.77 -3.79
CA GLY A 114 -24.29 9.46 -3.25
C GLY A 114 -24.25 8.30 -4.23
N GLU A 115 -24.87 8.46 -5.39
CA GLU A 115 -24.90 7.42 -6.41
C GLU A 115 -23.63 7.42 -7.27
N LEU A 116 -22.95 6.28 -7.36
CA LEU A 116 -21.76 6.20 -8.21
C LEU A 116 -22.28 6.23 -9.64
N PHE A 117 -21.73 7.12 -10.47
CA PHE A 117 -22.20 7.18 -11.85
C PHE A 117 -21.06 7.12 -12.86
N LEU A 118 -19.86 7.28 -12.36
CA LEU A 118 -18.70 7.24 -13.23
C LEU A 118 -17.42 7.04 -12.44
N SER A 119 -16.58 6.12 -12.92
CA SER A 119 -15.29 5.83 -12.29
C SER A 119 -14.25 5.65 -13.36
N GLN A 120 -12.98 5.75 -12.97
CA GLN A 120 -11.90 5.57 -13.90
C GLN A 120 -10.63 5.09 -13.22
N ASN A 121 -9.93 4.23 -13.96
CA ASN A 121 -8.69 3.61 -13.55
C ASN A 121 -7.57 4.58 -13.87
N LEU A 122 -7.20 5.42 -12.91
CA LEU A 122 -6.16 6.41 -13.13
C LEU A 122 -4.92 5.88 -13.83
N GLU A 123 -4.56 4.63 -13.57
CA GLU A 123 -3.36 4.05 -14.20
C GLU A 123 -3.55 3.84 -15.69
N THR A 124 -4.61 3.12 -16.05
CA THR A 124 -4.93 2.81 -17.45
C THR A 124 -5.94 3.78 -18.05
N LYS A 125 -6.47 4.67 -17.21
CA LYS A 125 -7.43 5.67 -17.63
C LYS A 125 -8.69 5.12 -18.30
N GLU A 126 -9.21 4.01 -17.78
CA GLU A 126 -10.41 3.41 -18.33
C GLU A 126 -11.63 3.94 -17.56
N TRP A 127 -12.61 4.48 -18.28
CA TRP A 127 -13.83 5.00 -17.66
C TRP A 127 -14.83 3.86 -17.51
N THR A 128 -15.71 3.94 -16.52
CA THR A 128 -16.66 2.86 -16.32
C THR A 128 -17.89 3.31 -15.57
N MET A 129 -19.05 2.90 -16.07
CA MET A 129 -20.32 3.21 -15.43
C MET A 129 -20.83 1.91 -14.79
N PRO A 130 -21.34 2.01 -13.54
CA PRO A 130 -21.86 0.87 -12.75
C PRO A 130 -22.96 0.04 -13.42
N GLN A 131 -23.74 -0.66 -12.59
CA GLN A 131 -24.83 -1.52 -13.04
C GLN A 131 -26.12 -0.81 -13.46
N SER A 132 -26.18 0.52 -13.32
CA SER A 132 -27.36 1.30 -13.70
C SER A 132 -27.02 2.09 -14.98
N SER A 133 -28.01 2.78 -15.56
CA SER A 133 -27.75 3.54 -16.80
C SER A 133 -28.78 4.61 -17.18
N ARG A 134 -28.32 5.85 -17.18
CA ARG A 134 -29.08 7.07 -17.50
C ARG A 134 -28.34 8.11 -16.70
N ALA A 135 -27.34 7.58 -16.00
CA ALA A 135 -26.43 8.35 -15.20
C ALA A 135 -25.39 8.68 -16.26
N GLN A 136 -25.59 8.08 -17.43
CA GLN A 136 -24.73 8.26 -18.59
C GLN A 136 -24.51 9.71 -18.89
N THR A 137 -25.62 10.42 -19.09
CA THR A 137 -25.57 11.84 -19.38
C THR A 137 -24.72 12.50 -18.31
N LEU A 138 -25.01 12.21 -17.05
CA LEU A 138 -24.24 12.78 -15.95
C LEU A 138 -22.76 12.50 -16.19
N ALA A 139 -22.48 11.21 -16.40
CA ALA A 139 -21.13 10.72 -16.66
C ALA A 139 -20.52 11.51 -17.80
N MET A 140 -21.28 11.65 -18.89
CA MET A 140 -20.83 12.40 -20.06
C MET A 140 -20.51 13.83 -19.65
N ASN A 141 -21.50 14.46 -19.01
CA ASN A 141 -21.37 15.83 -18.54
C ASN A 141 -19.98 15.95 -17.93
N VAL A 142 -19.83 15.29 -16.80
CA VAL A 142 -18.57 15.32 -16.07
C VAL A 142 -17.39 15.01 -16.95
N ARG A 143 -17.41 13.83 -17.57
CA ARG A 143 -16.33 13.42 -18.44
C ARG A 143 -15.85 14.56 -19.31
N ASN A 144 -16.73 15.00 -20.20
CA ASN A 144 -16.44 16.08 -21.13
C ASN A 144 -15.75 17.27 -20.46
N PHE A 145 -16.46 17.89 -19.52
CA PHE A 145 -15.91 19.05 -18.82
C PHE A 145 -14.48 18.76 -18.42
N LEU A 146 -14.31 17.66 -17.69
CA LEU A 146 -13.00 17.28 -17.23
C LEU A 146 -12.03 17.45 -18.40
N LYS A 147 -12.37 16.87 -19.56
CA LYS A 147 -11.52 17.00 -20.74
C LYS A 147 -11.36 18.48 -21.03
N GLU A 148 -12.46 19.17 -21.34
CA GLU A 148 -12.43 20.59 -21.63
C GLU A 148 -11.35 21.34 -20.82
N ASP A 149 -11.48 21.36 -19.49
CA ASP A 149 -10.52 22.05 -18.62
C ASP A 149 -9.06 21.68 -18.89
N ALA A 150 -8.85 20.51 -19.50
CA ALA A 150 -7.51 20.04 -19.84
C ALA A 150 -7.00 20.92 -20.97
N MET A 151 -7.92 21.36 -21.82
CA MET A 151 -7.62 22.22 -22.95
C MET A 151 -7.17 23.61 -22.46
N ALA A 162 -0.50 9.33 -9.44
CA ALA A 162 0.78 10.05 -9.19
C ALA A 162 0.84 10.61 -7.79
N ASP A 163 0.15 11.73 -7.58
CA ASP A 163 0.13 12.40 -6.29
C ASP A 163 -0.39 11.54 -5.17
N CYS A 164 -1.32 10.62 -5.46
CA CYS A 164 -1.79 9.80 -4.36
C CYS A 164 -0.67 8.90 -3.86
N LEU A 165 -0.25 7.98 -4.75
CA LEU A 165 0.79 7.04 -4.41
C LEU A 165 2.01 7.83 -3.90
N GLN A 166 2.30 8.94 -4.57
CA GLN A 166 3.37 9.83 -4.16
C GLN A 166 3.23 9.98 -2.65
N GLU A 167 2.05 10.46 -2.29
CA GLU A 167 1.71 10.69 -0.90
C GLU A 167 1.77 9.42 -0.08
N LEU A 168 1.07 8.38 -0.53
CA LEU A 168 1.10 7.15 0.23
C LEU A 168 2.54 6.79 0.55
N ARG A 169 3.34 6.63 -0.51
CA ARG A 169 4.74 6.30 -0.36
C ARG A 169 5.31 7.18 0.75
N ARG A 170 5.13 8.48 0.57
CA ARG A 170 5.61 9.45 1.55
C ARG A 170 5.28 8.98 2.96
N TYR A 171 4.03 9.16 3.36
CA TYR A 171 3.56 8.76 4.69
C TYR A 171 4.25 7.49 5.14
N LEU A 172 4.27 6.51 4.24
CA LEU A 172 4.88 5.24 4.54
C LEU A 172 6.30 5.46 5.01
N LYS A 173 7.15 5.88 4.08
CA LYS A 173 8.57 6.14 4.29
C LYS A 173 8.91 7.15 5.38
N SER A 174 7.97 8.04 5.65
CA SER A 174 8.15 9.10 6.65
C SER A 174 7.73 8.63 8.03
N GLY A 175 7.32 7.36 8.14
CA GLY A 175 6.94 6.83 9.44
C GLY A 175 5.53 7.16 9.92
N VAL A 176 4.74 7.83 9.09
CA VAL A 176 3.36 8.16 9.44
C VAL A 176 2.61 6.86 9.77
N VAL A 177 3.00 5.77 9.11
CA VAL A 177 2.44 4.42 9.31
C VAL A 177 3.58 3.50 9.72
N LEU A 178 3.38 2.77 10.81
CA LEU A 178 4.40 1.88 11.35
C LEU A 178 4.48 0.55 10.63
N ARG A 179 5.35 0.51 9.62
CA ARG A 179 5.54 -0.71 8.86
C ARG A 179 5.85 -1.80 9.88
N ARG A 180 5.24 -2.97 9.70
CA ARG A 180 5.44 -4.08 10.63
C ARG A 180 5.93 -5.38 10.01
N THR A 181 7.08 -5.33 9.33
CA THR A 181 7.69 -6.50 8.72
C THR A 181 9.15 -6.18 8.55
N VAL A 182 10.01 -7.09 8.99
CA VAL A 182 11.44 -6.89 8.89
C VAL A 182 12.08 -8.12 8.24
N PRO A 183 12.77 -7.91 7.11
CA PRO A 183 13.42 -8.99 6.37
C PRO A 183 14.55 -9.61 7.17
N PRO A 184 14.77 -10.92 6.99
CA PRO A 184 15.82 -11.63 7.70
C PRO A 184 17.12 -11.49 6.98
N MET A 185 18.19 -11.85 7.69
CA MET A 185 19.54 -11.79 7.16
C MET A 185 19.95 -13.24 7.04
N VAL A 186 20.16 -13.68 5.81
CA VAL A 186 20.55 -15.04 5.59
C VAL A 186 22.05 -15.14 5.46
N ASN A 187 22.64 -16.20 6.01
CA ASN A 187 24.07 -16.41 5.94
C ASN A 187 24.41 -17.87 6.01
N VAL A 188 24.99 -18.38 4.94
CA VAL A 188 25.39 -19.78 4.86
C VAL A 188 26.82 -19.93 5.39
N THR A 189 27.05 -20.93 6.25
CA THR A 189 28.36 -21.18 6.82
C THR A 189 28.66 -22.69 6.83
N ARG A 190 29.93 -23.06 6.70
CA ARG A 190 30.35 -24.46 6.69
C ARG A 190 31.16 -24.83 7.92
N SER A 191 30.96 -26.05 8.41
CA SER A 191 31.64 -26.56 9.61
C SER A 191 32.73 -27.54 9.21
N GLU A 192 33.89 -27.02 8.83
CA GLU A 192 35.06 -27.82 8.40
C GLU A 192 34.92 -29.28 8.80
N ALA A 193 35.11 -30.21 7.87
CA ALA A 193 34.93 -31.60 8.26
C ALA A 193 35.74 -32.73 7.60
N SER A 194 35.64 -33.85 8.29
CA SER A 194 36.33 -35.11 7.99
C SER A 194 35.73 -36.15 7.04
N GLU A 195 35.26 -37.26 7.63
CA GLU A 195 34.66 -38.39 6.92
C GLU A 195 33.17 -38.26 6.57
N GLY A 196 32.33 -37.92 7.55
CA GLY A 196 30.92 -37.74 7.27
C GLY A 196 30.83 -36.41 6.54
N ASN A 197 31.99 -35.79 6.41
CA ASN A 197 32.18 -34.50 5.76
C ASN A 197 31.57 -33.31 6.46
N ILE A 198 31.33 -32.22 5.71
CA ILE A 198 30.82 -30.99 6.33
C ILE A 198 29.37 -30.75 6.69
N THR A 199 29.19 -29.65 7.42
CA THR A 199 27.89 -29.23 7.90
C THR A 199 27.64 -27.79 7.52
N VAL A 200 26.89 -27.60 6.46
CA VAL A 200 26.57 -26.26 6.03
C VAL A 200 25.38 -25.84 6.89
N THR A 201 25.34 -24.57 7.25
CA THR A 201 24.27 -24.08 8.09
C THR A 201 23.72 -22.77 7.57
N CYS A 202 22.40 -22.73 7.39
CA CYS A 202 21.76 -21.55 6.89
C CYS A 202 21.12 -20.80 8.04
N ARG A 203 21.50 -19.54 8.23
CA ARG A 203 20.92 -18.74 9.31
C ARG A 203 20.17 -17.52 8.82
N ALA A 204 19.02 -17.28 9.45
CA ALA A 204 18.16 -16.14 9.17
C ALA A 204 18.01 -15.38 10.48
N SER A 205 18.29 -14.07 10.47
CA SER A 205 18.19 -13.31 11.71
C SER A 205 17.55 -11.96 11.55
N GLY A 206 17.22 -11.35 12.70
CA GLY A 206 16.63 -10.04 12.73
C GLY A 206 15.36 -9.79 11.93
N PHE A 207 14.55 -10.84 11.73
CA PHE A 207 13.31 -10.67 10.97
C PHE A 207 12.07 -10.68 11.84
N TYR A 208 10.97 -10.17 11.26
CA TYR A 208 9.66 -10.07 11.91
C TYR A 208 8.60 -9.91 10.83
N PRO A 209 7.45 -10.59 10.98
CA PRO A 209 7.05 -11.50 12.05
C PRO A 209 7.87 -12.79 12.13
N TRP A 210 7.31 -13.78 12.82
CA TRP A 210 7.98 -15.08 13.03
C TRP A 210 7.81 -16.15 11.96
N ASN A 211 6.65 -16.24 11.29
CA ASN A 211 6.49 -17.28 10.27
C ASN A 211 7.50 -17.06 9.15
N ILE A 212 8.45 -17.98 9.09
CA ILE A 212 9.53 -17.97 8.10
C ILE A 212 9.75 -19.39 7.55
N THR A 213 10.30 -19.49 6.33
CA THR A 213 10.55 -20.80 5.75
C THR A 213 12.01 -20.96 5.36
N LEU A 214 12.70 -21.80 6.10
CA LEU A 214 14.11 -22.09 5.88
C LEU A 214 14.16 -23.55 5.47
N SER A 215 15.09 -23.90 4.58
CA SER A 215 15.21 -25.27 4.14
C SER A 215 16.30 -25.39 3.08
N TRP A 216 16.96 -26.55 3.05
CA TRP A 216 18.03 -26.83 2.10
C TRP A 216 17.51 -27.54 0.88
N ARG A 217 18.22 -27.37 -0.22
CA ARG A 217 17.83 -28.01 -1.46
C ARG A 217 19.04 -28.57 -2.19
N GLN A 218 19.01 -29.86 -2.46
CA GLN A 218 20.09 -30.49 -3.20
C GLN A 218 19.54 -30.75 -4.60
N ASP A 219 20.23 -30.22 -5.61
CA ASP A 219 19.81 -30.36 -6.99
C ASP A 219 18.42 -29.81 -7.24
N GLY A 220 18.07 -28.74 -6.55
CA GLY A 220 16.77 -28.12 -6.74
C GLY A 220 15.70 -28.70 -5.83
N VAL A 221 15.71 -30.02 -5.71
CA VAL A 221 14.75 -30.73 -4.88
C VAL A 221 15.03 -30.46 -3.40
N SER A 222 13.95 -30.20 -2.67
CA SER A 222 14.02 -29.91 -1.24
C SER A 222 14.40 -31.13 -0.41
N LEU A 223 15.29 -30.94 0.54
CA LEU A 223 15.72 -32.04 1.41
C LEU A 223 14.56 -32.47 2.29
N SER A 224 14.54 -33.75 2.67
CA SER A 224 13.47 -34.26 3.53
C SER A 224 13.69 -33.84 4.98
N HIS A 225 12.61 -33.78 5.74
CA HIS A 225 12.70 -33.41 7.14
C HIS A 225 13.37 -34.57 7.87
N ASP A 226 14.67 -34.42 8.11
CA ASP A 226 15.46 -35.43 8.79
C ASP A 226 16.90 -35.22 8.35
N THR A 227 17.09 -35.24 7.04
CA THR A 227 18.40 -35.03 6.44
C THR A 227 19.01 -33.74 7.01
N GLN A 228 18.14 -32.81 7.41
CA GLN A 228 18.60 -31.55 7.98
C GLN A 228 18.27 -31.42 9.44
N GLN A 229 18.99 -30.53 10.10
CA GLN A 229 18.82 -30.25 11.51
C GLN A 229 18.20 -28.85 11.60
N TRP A 230 17.27 -28.69 12.54
CA TRP A 230 16.54 -27.44 12.69
C TRP A 230 16.73 -26.69 14.01
N GLY A 231 16.84 -25.37 13.91
CA GLY A 231 17.00 -24.55 15.09
C GLY A 231 15.67 -23.93 15.42
N ASP A 232 15.36 -23.81 16.70
CA ASP A 232 14.09 -23.22 17.08
C ASP A 232 14.05 -21.77 16.65
N VAL A 233 12.85 -21.22 16.53
CA VAL A 233 12.66 -19.82 16.15
C VAL A 233 12.74 -19.02 17.44
N LEU A 234 13.89 -18.37 17.62
CA LEU A 234 14.14 -17.62 18.82
C LEU A 234 14.22 -16.13 18.66
N PRO A 235 13.99 -15.41 19.77
CA PRO A 235 14.02 -13.95 19.87
C PRO A 235 15.41 -13.46 19.45
N ASP A 236 15.45 -12.33 18.76
CA ASP A 236 16.69 -11.73 18.27
C ASP A 236 16.62 -10.23 18.52
N GLY A 237 17.57 -9.49 17.94
CA GLY A 237 17.61 -8.05 18.13
C GLY A 237 16.30 -7.31 17.98
N ASN A 238 16.21 -6.19 18.69
CA ASN A 238 15.05 -5.28 18.68
C ASN A 238 13.70 -5.90 18.39
N GLY A 239 13.31 -6.85 19.23
CA GLY A 239 12.03 -7.49 19.05
C GLY A 239 11.90 -8.40 17.84
N THR A 240 13.00 -8.72 17.16
CA THR A 240 12.93 -9.60 15.99
C THR A 240 13.16 -11.05 16.42
N TYR A 241 13.22 -11.95 15.44
CA TYR A 241 13.42 -13.38 15.70
C TYR A 241 14.64 -13.84 14.90
N GLN A 242 14.99 -15.12 15.05
CA GLN A 242 16.11 -15.70 14.32
C GLN A 242 16.03 -17.22 14.45
N THR A 243 16.63 -17.92 13.49
CA THR A 243 16.60 -19.37 13.48
C THR A 243 17.64 -19.92 12.50
N TRP A 244 17.66 -21.23 12.26
CA TRP A 244 18.64 -21.77 11.33
C TRP A 244 18.37 -23.22 10.89
N VAL A 245 19.02 -23.64 9.81
CA VAL A 245 18.90 -25.02 9.30
C VAL A 245 20.22 -25.48 8.74
N ALA A 246 20.55 -26.74 9.02
CA ALA A 246 21.79 -27.32 8.54
C ALA A 246 21.62 -28.77 8.12
N THR A 247 22.46 -29.23 7.21
CA THR A 247 22.41 -30.61 6.76
C THR A 247 23.85 -31.01 6.52
N ARG A 248 24.09 -32.32 6.52
CA ARG A 248 25.44 -32.84 6.32
C ARG A 248 25.76 -33.04 4.86
N ILE A 249 26.66 -32.22 4.34
CA ILE A 249 27.12 -32.28 2.96
C ILE A 249 28.37 -33.14 2.86
N CYS A 250 28.55 -33.77 1.72
CA CYS A 250 29.70 -34.64 1.51
C CYS A 250 30.68 -34.02 0.50
N GLN A 251 31.94 -34.38 0.65
CA GLN A 251 33.00 -33.91 -0.25
C GLN A 251 32.75 -32.52 -0.80
N GLY A 252 33.11 -32.34 -2.07
CA GLY A 252 32.92 -31.08 -2.73
C GLY A 252 31.67 -31.16 -3.57
N GLU A 253 30.52 -31.23 -2.89
CA GLU A 253 29.25 -31.33 -3.59
C GLU A 253 28.36 -30.13 -3.28
N GLU A 254 28.94 -29.12 -2.65
CA GLU A 254 28.20 -27.92 -2.28
C GLU A 254 27.56 -27.18 -3.46
N GLN A 255 28.11 -27.44 -4.65
CA GLN A 255 27.62 -26.84 -5.89
C GLN A 255 26.12 -27.10 -6.00
N ARG A 256 25.73 -28.31 -5.60
CA ARG A 256 24.35 -28.77 -5.64
C ARG A 256 23.49 -28.30 -4.48
N PHE A 257 24.13 -27.84 -3.41
CA PHE A 257 23.34 -27.41 -2.26
C PHE A 257 23.08 -25.93 -2.17
N THR A 258 21.82 -25.62 -1.89
CA THR A 258 21.37 -24.26 -1.77
C THR A 258 20.28 -24.12 -0.72
N CYS A 259 20.41 -23.09 0.09
CA CYS A 259 19.45 -22.81 1.15
C CYS A 259 18.33 -21.92 0.61
N TYR A 260 17.09 -22.22 0.98
CA TYR A 260 15.94 -21.44 0.52
C TYR A 260 15.18 -20.86 1.69
N MET A 261 14.88 -19.56 1.63
CA MET A 261 14.15 -18.88 2.70
C MET A 261 12.94 -18.06 2.22
N GLU A 262 11.86 -18.10 3.00
CA GLU A 262 10.64 -17.39 2.67
C GLU A 262 10.10 -16.64 3.89
N HIS A 263 9.71 -15.39 3.67
CA HIS A 263 9.23 -14.56 4.76
C HIS A 263 8.13 -13.62 4.31
N SER A 264 7.01 -13.64 5.00
CA SER A 264 5.90 -12.77 4.64
C SER A 264 5.90 -12.51 3.14
N GLY A 265 5.76 -13.58 2.37
CA GLY A 265 5.69 -13.44 0.93
C GLY A 265 6.95 -13.22 0.13
N ASN A 266 8.07 -12.93 0.80
CA ASN A 266 9.32 -12.73 0.06
C ASN A 266 10.22 -13.95 0.14
N HIS A 267 11.02 -14.16 -0.90
CA HIS A 267 11.91 -15.31 -0.93
C HIS A 267 13.26 -15.02 -1.57
N SER A 268 14.22 -15.90 -1.31
CA SER A 268 15.57 -15.77 -1.88
C SER A 268 16.34 -17.06 -1.61
N THR A 269 17.29 -17.36 -2.50
CA THR A 269 18.10 -18.56 -2.37
C THR A 269 19.55 -18.20 -2.18
N HIS A 270 20.21 -18.92 -1.28
CA HIS A 270 21.61 -18.70 -1.00
C HIS A 270 22.38 -19.97 -1.19
N PRO A 271 23.57 -19.87 -1.79
CA PRO A 271 24.45 -21.00 -2.07
C PRO A 271 25.48 -21.20 -0.97
N VAL A 272 26.24 -22.29 -1.08
CA VAL A 272 27.30 -22.62 -0.12
C VAL A 272 28.56 -21.81 -0.48
N PRO A 273 29.19 -21.17 0.52
CA PRO A 273 30.39 -20.39 0.23
C PRO A 273 31.48 -21.30 -0.35
N SER A 274 32.58 -20.71 -0.79
CA SER A 274 33.66 -21.51 -1.35
C SER A 274 34.74 -21.92 -0.33
#